data_4IG6
#
_entry.id   4IG6
#
_cell.length_a   105.110
_cell.length_b   105.110
_cell.length_c   92.250
_cell.angle_alpha   90.000
_cell.angle_beta   90.000
_cell.angle_gamma   90.000
#
_symmetry.space_group_name_H-M   'P 43 21 2'
#
loop_
_entity.id
_entity.type
_entity.pdbx_description
1 polymer 'tRNA (guanine-N(1)-)-methyltransferase'
2 non-polymer S-ADENOSYL-L-HOMOCYSTEINE
3 non-polymer 'CHLORIDE ION'
4 water water
#
_entity_poly.entity_id   1
_entity_poly.type   'polypeptide(L)'
_entity_poly.pdbx_seq_one_letter_code
;MAHHHHHHMGTLEAQTQGPGSMIFNVLTIFPQMFPGPLGVSNLGSALKKGLWTLNVFDIRAFANNKHNTVDDTPYGGGPG
MLLRADVLGRCIDEVLSLHPNTKLMFTSPRGVSFTQDIARQTMNFDNITLLCGRFEGIDERVVDFYKLQEVSIGDYVLSG
GELAAMVIIDTCVRMVPGVIGNAESLKQESMEGSLEYPQYTRPASWKGMEVPEVLLTGNHGEIEKWRRNASLSITAARRP
DLLKDRYGENDVE
;
_entity_poly.pdbx_strand_id   A
#
loop_
_chem_comp.id
_chem_comp.type
_chem_comp.name
_chem_comp.formula
CL non-polymer 'CHLORIDE ION' 'Cl -1'
#
# COMPACT_ATOMS: atom_id res chain seq x y z
N SER A 21 -2.02 17.45 -2.20
CA SER A 21 -2.31 16.97 -3.58
C SER A 21 -2.40 15.43 -3.68
N MET A 22 -2.12 14.73 -2.58
CA MET A 22 -2.32 13.28 -2.54
C MET A 22 -3.13 12.99 -1.28
N ILE A 23 -4.43 12.79 -1.46
CA ILE A 23 -5.35 12.57 -0.36
C ILE A 23 -5.85 11.13 -0.35
N PHE A 24 -5.63 10.46 0.77
CA PHE A 24 -6.13 9.11 1.05
C PHE A 24 -7.19 9.12 2.15
N ASN A 25 -8.36 8.56 1.87
CA ASN A 25 -9.39 8.33 2.88
C ASN A 25 -9.41 6.87 3.22
N VAL A 26 -9.17 6.53 4.49
CA VAL A 26 -9.21 5.15 4.93
C VAL A 26 -10.48 4.92 5.74
N LEU A 27 -11.26 3.93 5.34
CA LEU A 27 -12.51 3.58 6.03
C LEU A 27 -12.28 2.28 6.78
N THR A 28 -12.40 2.33 8.11
CA THR A 28 -11.99 1.25 8.98
C THR A 28 -12.78 1.26 10.27
N ILE A 29 -12.95 0.06 10.86
CA ILE A 29 -13.49 -0.06 12.21
C ILE A 29 -12.41 0.02 13.29
N PHE A 30 -11.15 0.14 12.88
CA PHE A 30 -10.06 0.33 13.82
C PHE A 30 -9.28 1.62 13.51
N PRO A 31 -9.93 2.79 13.69
CA PRO A 31 -9.23 4.05 13.41
C PRO A 31 -7.94 4.27 14.21
N GLN A 32 -7.88 3.75 15.43
CA GLN A 32 -6.69 3.95 16.29
C GLN A 32 -5.44 3.24 15.81
N MET A 33 -5.55 2.36 14.84
CA MET A 33 -4.36 1.78 14.19
C MET A 33 -3.57 2.78 13.37
N PHE A 34 -4.25 3.81 12.90
CA PHE A 34 -3.68 4.78 11.97
C PHE A 34 -3.32 6.02 12.74
N PRO A 35 -2.31 6.74 12.29
CA PRO A 35 -1.44 6.44 11.14
C PRO A 35 -0.58 5.19 11.30
N GLY A 36 -0.17 4.86 12.52
CA GLY A 36 0.68 3.69 12.76
C GLY A 36 1.97 3.75 11.95
N PRO A 37 2.27 2.69 11.17
CA PRO A 37 3.50 2.70 10.35
C PRO A 37 3.60 3.85 9.36
N LEU A 38 2.45 4.41 8.95
CA LEU A 38 2.42 5.51 8.00
C LEU A 38 2.83 6.82 8.69
N GLY A 39 2.95 6.78 10.03
CA GLY A 39 3.30 7.96 10.78
C GLY A 39 4.78 8.12 11.11
N VAL A 40 5.65 7.26 10.61
CA VAL A 40 7.07 7.36 10.96
C VAL A 40 7.96 7.66 9.78
N SER A 41 9.13 8.21 10.08
CA SER A 41 10.17 8.42 9.10
C SER A 41 9.65 9.35 8.00
N ASN A 42 10.05 9.11 6.75
CA ASN A 42 9.66 10.00 5.64
C ASN A 42 8.17 10.18 5.41
N LEU A 43 7.43 9.08 5.51
CA LEU A 43 5.99 9.16 5.38
C LEU A 43 5.41 10.11 6.43
N GLY A 44 5.82 9.94 7.67
CA GLY A 44 5.29 10.72 8.77
C GLY A 44 5.64 12.19 8.66
N SER A 45 6.88 12.50 8.31
CA SER A 45 7.22 13.91 8.21
C SER A 45 6.56 14.51 6.97
N ALA A 46 6.43 13.75 5.88
CA ALA A 46 5.68 14.25 4.73
C ALA A 46 4.21 14.50 5.06
N LEU A 47 3.66 13.68 5.96
CA LEU A 47 2.30 13.88 6.43
C LEU A 47 2.19 15.18 7.26
N LYS A 48 3.10 15.38 8.21
CA LYS A 48 3.17 16.67 8.92
C LYS A 48 3.36 17.85 7.97
N LYS A 49 4.27 17.75 6.99
CA LYS A 49 4.46 18.82 6.00
C LYS A 49 3.24 19.05 5.11
N GLY A 50 2.35 18.06 5.00
CA GLY A 50 1.18 18.21 4.15
C GLY A 50 1.45 17.84 2.71
N LEU A 51 2.49 17.06 2.42
CA LEU A 51 2.70 16.53 1.06
C LEU A 51 1.68 15.46 0.67
N TRP A 52 1.08 14.83 1.67
CA TRP A 52 -0.09 13.99 1.50
C TRP A 52 -0.95 14.14 2.74
N THR A 53 -2.19 13.73 2.61
CA THR A 53 -3.21 13.90 3.62
C THR A 53 -3.86 12.56 3.87
N LEU A 54 -4.13 12.26 5.15
CA LEU A 54 -4.74 11.01 5.53
C LEU A 54 -5.96 11.30 6.37
N ASN A 55 -7.13 10.92 5.83
CA ASN A 55 -8.40 11.05 6.52
C ASN A 55 -8.85 9.65 6.89
N VAL A 56 -8.97 9.39 8.18
CA VAL A 56 -9.37 8.08 8.67
C VAL A 56 -10.78 8.20 9.21
N PHE A 57 -11.70 7.57 8.49
CA PHE A 57 -13.08 7.54 8.82
C PHE A 57 -13.36 6.28 9.61
N ASP A 58 -14.04 6.43 10.75
CA ASP A 58 -14.43 5.34 11.59
C ASP A 58 -15.80 4.81 11.18
N ILE A 59 -15.81 3.61 10.60
CA ILE A 59 -17.03 3.04 10.08
C ILE A 59 -18.12 2.91 11.16
N ARG A 60 -17.71 2.61 12.39
CA ARG A 60 -18.66 2.39 13.47
CA ARG A 60 -18.65 2.42 13.52
C ARG A 60 -19.51 3.66 13.74
N ALA A 61 -18.92 4.83 13.56
CA ALA A 61 -19.62 6.08 13.87
C ALA A 61 -20.79 6.29 12.92
N PHE A 62 -20.84 5.53 11.82
CA PHE A 62 -21.92 5.67 10.86
C PHE A 62 -23.03 4.63 11.06
N ALA A 63 -22.94 3.85 12.13
CA ALA A 63 -23.98 2.87 12.44
C ALA A 63 -25.21 3.56 13.02
N ASN A 64 -26.32 3.60 12.28
CA ASN A 64 -27.54 4.26 12.78
C ASN A 64 -28.25 3.54 13.90
N ASN A 65 -28.15 2.22 13.92
CA ASN A 65 -28.86 1.40 14.91
C ASN A 65 -28.52 1.73 16.37
N LYS A 66 -29.45 1.33 17.26
CA LYS A 66 -29.31 1.43 18.72
C LYS A 66 -28.23 0.47 19.22
N HIS A 67 -27.99 -0.59 18.43
CA HIS A 67 -26.93 -1.54 18.73
C HIS A 67 -25.51 -0.93 18.60
N ASN A 68 -25.32 0.03 17.68
CA ASN A 68 -23.99 0.49 17.21
C ASN A 68 -23.25 -0.62 16.39
N THR A 69 -24.03 -1.46 15.68
CA THR A 69 -23.52 -2.68 15.01
C THR A 69 -23.23 -2.51 13.52
N VAL A 70 -22.01 -2.85 13.18
CA VAL A 70 -21.49 -2.72 11.83
C VAL A 70 -21.55 -4.02 11.03
N ASP A 71 -21.65 -5.16 11.71
CA ASP A 71 -21.56 -6.47 11.08
C ASP A 71 -22.70 -7.32 11.55
N ASP A 72 -23.02 -8.34 10.77
CA ASP A 72 -24.14 -9.19 11.03
C ASP A 72 -23.91 -10.53 10.33
N THR A 73 -24.69 -11.54 10.68
CA THR A 73 -24.48 -12.89 10.15
C THR A 73 -24.96 -12.97 8.69
N PRO A 74 -24.31 -13.83 7.90
CA PRO A 74 -24.66 -13.75 6.48
C PRO A 74 -25.95 -14.46 6.16
N TYR A 75 -26.72 -13.89 5.24
CA TYR A 75 -27.87 -14.56 4.67
C TYR A 75 -27.40 -15.86 4.02
N GLY A 76 -28.12 -16.95 4.28
CA GLY A 76 -27.82 -18.22 3.62
C GLY A 76 -27.04 -19.18 4.48
N GLY A 77 -26.63 -18.71 5.65
CA GLY A 77 -25.90 -19.57 6.56
C GLY A 77 -24.41 -19.45 6.33
N GLY A 78 -23.68 -20.18 7.14
CA GLY A 78 -22.23 -20.14 7.09
C GLY A 78 -21.74 -19.28 8.23
N PRO A 79 -20.49 -19.50 8.62
CA PRO A 79 -19.93 -18.92 9.82
C PRO A 79 -19.42 -17.49 9.63
N GLY A 80 -19.18 -16.82 10.74
CA GLY A 80 -18.57 -15.51 10.70
C GLY A 80 -19.62 -14.43 10.52
N MET A 81 -19.12 -13.21 10.31
CA MET A 81 -19.95 -12.02 10.22
C MET A 81 -19.57 -11.26 8.95
N LEU A 82 -20.39 -10.29 8.60
CA LEU A 82 -20.17 -9.54 7.40
C LEU A 82 -20.51 -8.08 7.65
N LEU A 83 -19.68 -7.15 7.16
CA LEU A 83 -20.01 -5.73 7.28
C LEU A 83 -21.27 -5.37 6.46
N ARG A 84 -22.16 -4.60 7.08
CA ARG A 84 -23.49 -4.30 6.55
C ARG A 84 -23.44 -3.18 5.54
N ALA A 85 -24.32 -3.27 4.54
CA ALA A 85 -24.38 -2.30 3.46
C ALA A 85 -24.91 -0.94 3.90
N ASP A 86 -25.83 -0.92 4.87
CA ASP A 86 -26.39 0.37 5.30
C ASP A 86 -25.35 1.25 6.01
N VAL A 87 -24.64 0.65 6.94
CA VAL A 87 -23.53 1.32 7.62
C VAL A 87 -22.42 1.75 6.65
N LEU A 88 -22.01 0.84 5.78
CA LEU A 88 -20.95 1.19 4.84
C LEU A 88 -21.40 2.32 3.93
N GLY A 89 -22.65 2.23 3.48
CA GLY A 89 -23.23 3.23 2.58
C GLY A 89 -23.27 4.63 3.18
N ARG A 90 -23.60 4.73 4.45
CA ARG A 90 -23.62 6.04 5.12
CA ARG A 90 -23.62 6.05 5.09
C ARG A 90 -22.20 6.63 5.17
N CYS A 91 -21.24 5.78 5.47
CA CYS A 91 -19.86 6.22 5.58
C CYS A 91 -19.36 6.65 4.22
N ILE A 92 -19.56 5.80 3.22
CA ILE A 92 -19.05 6.08 1.89
C ILE A 92 -19.73 7.32 1.29
N ASP A 93 -21.05 7.42 1.48
CA ASP A 93 -21.80 8.62 1.05
C ASP A 93 -21.25 9.90 1.70
N GLU A 94 -20.93 9.86 2.98
CA GLU A 94 -20.24 11.00 3.59
C GLU A 94 -18.93 11.30 2.86
N VAL A 95 -18.15 10.27 2.57
CA VAL A 95 -16.86 10.49 1.87
C VAL A 95 -17.11 11.12 0.49
N LEU A 96 -18.11 10.62 -0.23
CA LEU A 96 -18.49 11.18 -1.53
C LEU A 96 -18.98 12.64 -1.44
N SER A 97 -19.76 12.98 -0.42
CA SER A 97 -20.16 14.39 -0.22
C SER A 97 -18.95 15.27 -0.03
N LEU A 98 -17.88 14.77 0.56
CA LEU A 98 -16.68 15.58 0.72
C LEU A 98 -15.73 15.52 -0.45
N HIS A 99 -15.68 14.38 -1.14
CA HIS A 99 -14.70 14.15 -2.19
C HIS A 99 -15.38 13.41 -3.34
N PRO A 100 -16.21 14.15 -4.11
CA PRO A 100 -17.08 13.49 -5.07
C PRO A 100 -16.35 12.75 -6.21
N ASN A 101 -15.10 13.09 -6.50
CA ASN A 101 -14.34 12.37 -7.50
C ASN A 101 -13.31 11.42 -6.95
N THR A 102 -13.42 11.07 -5.68
CA THR A 102 -12.50 10.10 -5.10
C THR A 102 -12.58 8.76 -5.82
N LYS A 103 -11.43 8.11 -5.94
CA LYS A 103 -11.32 6.79 -6.52
C LYS A 103 -11.61 5.75 -5.43
N LEU A 104 -12.72 5.05 -5.56
CA LEU A 104 -13.17 4.14 -4.51
C LEU A 104 -12.53 2.76 -4.67
N MET A 105 -11.78 2.35 -3.66
CA MET A 105 -11.07 1.07 -3.69
C MET A 105 -11.42 0.23 -2.47
N PHE A 106 -11.38 -1.08 -2.66
CA PHE A 106 -11.72 -2.04 -1.60
C PHE A 106 -10.63 -3.09 -1.54
N THR A 107 -10.00 -3.19 -0.37
CA THR A 107 -9.04 -4.21 -0.07
C THR A 107 -9.78 -5.55 -0.04
N SER A 108 -9.35 -6.48 -0.89
CA SER A 108 -9.97 -7.79 -0.98
C SER A 108 -9.01 -8.81 -1.58
N PRO A 109 -8.94 -10.02 -1.01
CA PRO A 109 -8.15 -11.11 -1.64
C PRO A 109 -8.62 -11.44 -3.05
N ARG A 110 -9.85 -11.02 -3.36
CA ARG A 110 -10.45 -11.32 -4.64
C ARG A 110 -10.05 -10.33 -5.72
N GLY A 111 -9.27 -9.33 -5.36
CA GLY A 111 -9.03 -8.20 -6.25
C GLY A 111 -7.82 -8.40 -7.12
N VAL A 112 -7.57 -7.43 -7.97
CA VAL A 112 -6.37 -7.43 -8.79
C VAL A 112 -5.13 -7.32 -7.89
N SER A 113 -4.06 -7.94 -8.33
CA SER A 113 -2.83 -7.98 -7.55
C SER A 113 -2.10 -6.65 -7.58
N PHE A 114 -1.93 -6.06 -6.41
CA PHE A 114 -1.23 -4.79 -6.31
C PHE A 114 0.24 -4.97 -6.76
N THR A 115 0.73 -4.00 -7.51
CA THR A 115 2.12 -3.96 -8.02
C THR A 115 2.53 -2.52 -8.08
N GLN A 116 3.82 -2.28 -8.26
CA GLN A 116 4.31 -0.91 -8.44
C GLN A 116 3.53 -0.14 -9.52
N ASP A 117 3.16 -0.85 -10.57
CA ASP A 117 2.37 -0.31 -11.65
C ASP A 117 0.95 0.10 -11.30
N ILE A 118 0.22 -0.79 -10.63
CA ILE A 118 -1.11 -0.41 -10.14
C ILE A 118 -0.92 0.78 -9.21
N ALA A 119 0.13 0.78 -8.39
CA ALA A 119 0.40 1.92 -7.51
C ALA A 119 0.49 3.22 -8.32
N ARG A 120 1.24 3.22 -9.43
CA ARG A 120 1.35 4.44 -10.24
C ARG A 120 0.05 4.85 -10.88
N GLN A 121 -0.71 3.89 -11.40
CA GLN A 121 -2.03 4.20 -11.95
C GLN A 121 -2.92 4.82 -10.86
N THR A 122 -2.86 4.25 -9.67
CA THR A 122 -3.66 4.74 -8.55
C THR A 122 -3.35 6.21 -8.29
N MET A 123 -2.10 6.59 -8.40
CA MET A 123 -1.69 7.97 -8.17
C MET A 123 -2.12 8.98 -9.23
N ASN A 124 -2.56 8.54 -10.41
CA ASN A 124 -3.15 9.47 -11.36
C ASN A 124 -4.46 10.07 -10.88
N PHE A 125 -5.10 9.44 -9.91
CA PHE A 125 -6.16 10.08 -9.14
C PHE A 125 -5.45 10.80 -7.99
N ASP A 126 -5.98 11.92 -7.54
CA ASP A 126 -5.29 12.59 -6.44
C ASP A 126 -6.06 12.48 -5.13
N ASN A 127 -7.20 11.79 -5.18
CA ASN A 127 -8.03 11.53 -4.03
C ASN A 127 -8.45 10.07 -4.12
N ILE A 128 -7.96 9.27 -3.18
CA ILE A 128 -8.17 7.83 -3.19
C ILE A 128 -8.83 7.42 -1.87
N THR A 129 -9.82 6.55 -1.96
CA THR A 129 -10.50 6.03 -0.80
C THR A 129 -10.28 4.51 -0.69
N LEU A 130 -9.78 4.07 0.47
CA LEU A 130 -9.53 2.64 0.73
C LEU A 130 -10.46 2.11 1.81
N LEU A 131 -11.41 1.28 1.41
CA LEU A 131 -12.27 0.56 2.36
C LEU A 131 -11.55 -0.67 2.90
N CYS A 132 -11.47 -0.77 4.22
CA CYS A 132 -10.87 -1.90 4.88
C CYS A 132 -11.92 -2.91 5.34
N GLY A 133 -11.88 -4.12 4.75
CA GLY A 133 -12.70 -5.21 5.17
C GLY A 133 -12.30 -5.76 6.53
N ARG A 134 -13.26 -6.40 7.17
CA ARG A 134 -13.04 -7.18 8.38
C ARG A 134 -14.04 -8.33 8.35
N PHE A 135 -13.89 -9.27 9.28
CA PHE A 135 -14.76 -10.41 9.35
C PHE A 135 -14.70 -11.13 8.00
N GLU A 136 -15.82 -11.54 7.44
CA GLU A 136 -15.78 -12.31 6.20
C GLU A 136 -15.81 -11.43 4.98
N GLY A 137 -15.89 -10.13 5.19
CA GLY A 137 -15.92 -9.17 4.10
C GLY A 137 -17.08 -8.22 4.27
N ILE A 138 -17.56 -7.74 3.13
CA ILE A 138 -18.65 -6.80 3.08
C ILE A 138 -19.78 -7.32 2.19
N ASP A 139 -20.98 -6.79 2.40
CA ASP A 139 -22.14 -7.08 1.57
C ASP A 139 -21.83 -6.71 0.12
N GLU A 140 -22.05 -7.66 -0.79
CA GLU A 140 -21.69 -7.49 -2.20
C GLU A 140 -22.35 -6.30 -2.87
N ARG A 141 -23.53 -5.92 -2.40
CA ARG A 141 -24.24 -4.77 -2.96
C ARG A 141 -23.41 -3.51 -2.90
N VAL A 142 -22.61 -3.38 -1.86
CA VAL A 142 -21.74 -2.21 -1.71
C VAL A 142 -20.70 -2.20 -2.83
N VAL A 143 -20.14 -3.36 -3.14
CA VAL A 143 -19.15 -3.45 -4.20
C VAL A 143 -19.78 -3.07 -5.56
N ASP A 144 -20.97 -3.56 -5.84
CA ASP A 144 -21.61 -3.29 -7.13
C ASP A 144 -22.13 -1.87 -7.19
N PHE A 145 -22.88 -1.43 -6.17
CA PHE A 145 -23.42 -0.10 -6.21
C PHE A 145 -22.32 0.96 -6.44
N TYR A 146 -21.23 0.91 -5.69
CA TYR A 146 -20.22 1.96 -5.79
C TYR A 146 -19.14 1.60 -6.79
N LYS A 147 -19.29 0.50 -7.52
CA LYS A 147 -18.22 0.05 -8.41
C LYS A 147 -16.86 0.11 -7.75
N LEU A 148 -16.74 -0.49 -6.58
CA LEU A 148 -15.44 -0.49 -5.90
C LEU A 148 -14.41 -1.26 -6.73
N GLN A 149 -13.21 -0.73 -6.81
CA GLN A 149 -12.12 -1.47 -7.43
C GLN A 149 -11.49 -2.34 -6.35
N GLU A 150 -11.61 -3.65 -6.52
CA GLU A 150 -11.04 -4.59 -5.58
C GLU A 150 -9.54 -4.74 -5.79
N VAL A 151 -8.77 -4.74 -4.69
CA VAL A 151 -7.30 -4.88 -4.76
C VAL A 151 -6.79 -5.82 -3.68
N SER A 152 -5.99 -6.79 -4.11
CA SER A 152 -5.30 -7.73 -3.22
C SER A 152 -3.83 -7.32 -3.14
N ILE A 153 -3.23 -7.40 -1.96
CA ILE A 153 -1.80 -7.14 -1.89
C ILE A 153 -0.96 -8.41 -2.09
N GLY A 154 -1.63 -9.55 -2.24
CA GLY A 154 -0.98 -10.84 -2.46
C GLY A 154 -1.89 -12.01 -2.15
N ASP A 155 -1.44 -13.19 -2.55
CA ASP A 155 -2.21 -14.43 -2.36
C ASP A 155 -2.03 -15.04 -1.00
N TYR A 156 -2.52 -14.30 -0.03
CA TYR A 156 -2.52 -14.71 1.35
C TYR A 156 -3.72 -14.04 2.02
N VAL A 157 -4.17 -14.56 3.15
CA VAL A 157 -5.39 -14.08 3.81
C VAL A 157 -5.06 -13.35 5.11
N LEU A 158 -5.29 -12.04 5.10
CA LEU A 158 -5.13 -11.21 6.26
C LEU A 158 -6.41 -11.26 7.09
N SER A 159 -6.36 -10.81 8.34
CA SER A 159 -7.53 -10.63 9.21
C SER A 159 -8.36 -9.41 8.88
N GLY A 160 -7.78 -8.46 8.15
CA GLY A 160 -8.45 -7.22 7.83
C GLY A 160 -7.73 -6.48 6.72
N GLY A 161 -8.44 -5.51 6.14
CA GLY A 161 -7.89 -4.67 5.10
C GLY A 161 -6.92 -3.61 5.53
N GLU A 162 -6.77 -3.38 6.84
CA GLU A 162 -6.01 -2.23 7.31
C GLU A 162 -4.55 -2.33 6.86
N LEU A 163 -3.95 -3.51 7.02
CA LEU A 163 -2.56 -3.70 6.59
C LEU A 163 -2.42 -3.52 5.09
N ALA A 164 -3.39 -4.00 4.34
CA ALA A 164 -3.38 -3.84 2.91
C ALA A 164 -3.45 -2.38 2.51
N ALA A 165 -4.26 -1.61 3.21
CA ALA A 165 -4.39 -0.20 2.91
C ALA A 165 -3.07 0.51 3.21
N MET A 166 -2.45 0.17 4.34
CA MET A 166 -1.17 0.78 4.73
C MET A 166 -0.10 0.48 3.65
N VAL A 167 -0.08 -0.77 3.21
CA VAL A 167 0.84 -1.20 2.14
C VAL A 167 0.62 -0.38 0.89
N ILE A 168 -0.64 -0.21 0.51
CA ILE A 168 -0.95 0.56 -0.71
C ILE A 168 -0.53 2.01 -0.55
N ILE A 169 -0.83 2.58 0.61
CA ILE A 169 -0.53 3.99 0.84
C ILE A 169 0.97 4.23 0.87
N ASP A 170 1.71 3.33 1.51
CA ASP A 170 3.14 3.49 1.64
C ASP A 170 3.76 3.44 0.26
N THR A 171 3.39 2.43 -0.50
CA THR A 171 3.87 2.28 -1.86
C THR A 171 3.67 3.55 -2.68
N CYS A 172 2.44 4.09 -2.63
CA CYS A 172 2.08 5.28 -3.43
C CYS A 172 2.79 6.54 -2.94
N VAL A 173 2.76 6.78 -1.63
CA VAL A 173 3.29 8.03 -1.08
C VAL A 173 4.82 8.08 -1.24
N ARG A 174 5.44 6.93 -1.26
CA ARG A 174 6.88 6.85 -1.48
C ARG A 174 7.29 7.48 -2.82
N MET A 175 6.36 7.58 -3.76
CA MET A 175 6.60 8.19 -5.07
C MET A 175 6.10 9.62 -5.20
N VAL A 176 5.54 10.18 -4.13
CA VAL A 176 5.16 11.58 -4.16
C VAL A 176 6.45 12.42 -4.11
N PRO A 177 6.61 13.36 -5.05
CA PRO A 177 7.85 14.15 -5.07
C PRO A 177 8.01 14.84 -3.73
N GLY A 178 9.20 14.74 -3.17
CA GLY A 178 9.50 15.41 -1.90
C GLY A 178 9.43 14.48 -0.70
N VAL A 179 8.94 13.24 -0.87
CA VAL A 179 8.78 12.36 0.28
C VAL A 179 10.07 11.67 0.60
N ILE A 180 10.70 11.09 -0.42
CA ILE A 180 12.05 10.62 -0.21
C ILE A 180 13.03 11.39 -1.09
N GLY A 181 14.30 11.25 -0.80
CA GLY A 181 15.36 11.90 -1.55
C GLY A 181 15.25 11.62 -3.05
N ASN A 182 15.46 12.68 -3.81
CA ASN A 182 15.40 12.62 -5.26
C ASN A 182 16.28 11.52 -5.89
N ALA A 183 17.53 11.44 -5.44
CA ALA A 183 18.51 10.48 -5.99
C ALA A 183 18.04 9.04 -5.74
N GLU A 184 17.62 8.74 -4.51
CA GLU A 184 17.09 7.41 -4.14
C GLU A 184 15.91 7.02 -5.04
N SER A 185 15.03 7.99 -5.21
CA SER A 185 13.79 7.83 -5.95
C SER A 185 14.09 7.50 -7.41
N LEU A 186 14.96 8.31 -8.02
CA LEU A 186 15.40 8.06 -9.41
C LEU A 186 16.08 6.70 -9.57
N LYS A 187 16.95 6.34 -8.64
CA LYS A 187 17.60 5.05 -8.68
C LYS A 187 16.58 3.91 -8.60
N GLN A 188 15.62 4.04 -7.68
CA GLN A 188 14.57 3.03 -7.55
C GLN A 188 13.84 2.86 -8.88
N GLU A 189 13.34 3.94 -9.47
CA GLU A 189 12.70 3.91 -10.81
C GLU A 189 13.53 3.20 -11.87
N SER A 190 14.80 3.58 -11.97
CA SER A 190 15.68 3.01 -12.99
C SER A 190 15.99 1.51 -12.79
N MET A 191 15.87 1.02 -11.56
CA MET A 191 16.13 -0.40 -11.24
C MET A 191 14.89 -1.29 -11.40
N GLU A 192 13.74 -0.67 -11.67
CA GLU A 192 12.50 -1.41 -11.85
C GLU A 192 12.64 -2.43 -12.98
N GLY A 193 12.09 -3.61 -12.79
CA GLY A 193 12.35 -4.75 -13.67
C GLY A 193 13.66 -5.49 -13.38
N SER A 194 14.40 -5.08 -12.35
CA SER A 194 15.62 -5.78 -11.94
C SER A 194 15.67 -5.95 -10.43
N LEU A 195 16.28 -7.03 -10.00
CA LEU A 195 16.54 -7.22 -8.59
C LEU A 195 17.78 -6.45 -8.11
N GLU A 196 17.68 -5.96 -6.89
CA GLU A 196 18.71 -5.17 -6.24
C GLU A 196 20.01 -5.97 -6.16
N TYR A 197 21.11 -5.31 -6.54
CA TYR A 197 22.45 -5.88 -6.41
C TYR A 197 22.88 -5.92 -4.95
N PRO A 198 23.85 -6.79 -4.62
CA PRO A 198 24.40 -6.81 -3.26
C PRO A 198 24.96 -5.43 -2.88
N GLN A 199 24.69 -5.02 -1.65
CA GLN A 199 25.16 -3.73 -1.14
C GLN A 199 25.94 -3.92 0.12
N TYR A 200 26.89 -3.02 0.38
CA TYR A 200 27.78 -3.11 1.53
C TYR A 200 28.02 -1.73 2.12
N THR A 201 28.31 -1.70 3.42
CA THR A 201 28.76 -0.48 4.09
C THR A 201 29.73 -0.88 5.20
N ARG A 202 30.23 0.08 5.97
CA ARG A 202 31.15 -0.23 7.05
C ARG A 202 30.53 -1.20 8.05
N PRO A 203 31.38 -2.02 8.72
CA PRO A 203 32.86 -2.05 8.65
C PRO A 203 33.43 -2.83 7.46
N ALA A 204 34.64 -2.48 7.07
CA ALA A 204 35.39 -3.21 6.02
C ALA A 204 35.39 -4.73 6.16
N SER A 205 35.50 -5.20 7.39
CA SER A 205 35.56 -6.63 7.68
C SER A 205 34.64 -6.98 8.81
N TRP A 206 33.91 -8.08 8.67
CA TRP A 206 32.93 -8.44 9.68
C TRP A 206 32.81 -9.92 9.69
N LYS A 207 33.00 -10.53 10.85
CA LYS A 207 33.02 -11.99 10.98
C LYS A 207 33.90 -12.60 9.87
N GLY A 208 35.04 -11.97 9.61
CA GLY A 208 35.97 -12.45 8.60
C GLY A 208 35.54 -12.32 7.15
N MET A 209 34.41 -11.64 6.90
CA MET A 209 33.92 -11.45 5.54
C MET A 209 34.19 -10.01 5.14
N GLU A 210 34.72 -9.86 3.93
CA GLU A 210 35.14 -8.55 3.39
C GLU A 210 34.22 -8.13 2.26
N VAL A 211 34.29 -6.87 1.93
CA VAL A 211 33.53 -6.27 0.87
C VAL A 211 34.26 -6.53 -0.44
N PRO A 212 33.51 -6.87 -1.51
CA PRO A 212 34.14 -7.05 -2.81
C PRO A 212 35.01 -5.86 -3.17
N GLU A 213 36.25 -6.16 -3.55
CA GLU A 213 37.30 -5.13 -3.72
C GLU A 213 36.93 -4.01 -4.69
N VAL A 214 36.25 -4.35 -5.77
CA VAL A 214 35.90 -3.35 -6.79
C VAL A 214 35.17 -2.15 -6.19
N LEU A 215 34.38 -2.41 -5.15
CA LEU A 215 33.60 -1.36 -4.51
C LEU A 215 34.42 -0.42 -3.64
N LEU A 216 35.70 -0.77 -3.43
CA LEU A 216 36.59 0.04 -2.65
C LEU A 216 37.62 0.78 -3.47
N THR A 217 37.56 0.63 -4.80
CA THR A 217 38.54 1.24 -5.71
C THR A 217 38.21 2.66 -6.17
N GLY A 218 36.98 3.10 -5.95
CA GLY A 218 36.56 4.39 -6.43
C GLY A 218 36.32 4.40 -7.92
N ASN A 219 36.37 3.23 -8.54
CA ASN A 219 36.29 3.16 -9.97
C ASN A 219 34.83 3.03 -10.41
N HIS A 220 34.23 4.19 -10.64
CA HIS A 220 32.80 4.28 -10.94
C HIS A 220 32.41 3.37 -12.10
N GLY A 221 33.18 3.42 -13.19
CA GLY A 221 32.93 2.54 -14.32
C GLY A 221 32.86 1.06 -13.97
N GLU A 222 33.86 0.58 -13.21
CA GLU A 222 33.90 -0.84 -12.87
C GLU A 222 32.86 -1.20 -11.80
N ILE A 223 32.58 -0.27 -10.90
CA ILE A 223 31.57 -0.50 -9.86
C ILE A 223 30.21 -0.69 -10.52
N GLU A 224 29.87 0.23 -11.40
CA GLU A 224 28.61 0.20 -12.12
C GLU A 224 28.49 -1.08 -12.98
N LYS A 225 29.56 -1.46 -13.67
CA LYS A 225 29.60 -2.74 -14.39
C LYS A 225 29.32 -3.93 -13.47
N TRP A 226 29.98 -3.94 -12.32
CA TRP A 226 29.82 -5.04 -11.38
C TRP A 226 28.39 -5.11 -10.86
N ARG A 227 27.82 -3.96 -10.55
CA ARG A 227 26.43 -3.90 -10.05
C ARG A 227 25.42 -4.38 -11.06
N ARG A 228 25.54 -3.89 -12.29
CA ARG A 228 24.67 -4.29 -13.39
C ARG A 228 24.75 -5.81 -13.57
N ASN A 229 25.95 -6.37 -13.65
CA ASN A 229 26.04 -7.80 -13.85
CA ASN A 229 26.07 -7.81 -13.83
C ASN A 229 25.55 -8.61 -12.64
N ALA A 230 25.74 -8.11 -11.41
CA ALA A 230 25.19 -8.81 -10.24
C ALA A 230 23.66 -8.81 -10.29
N SER A 231 23.08 -7.64 -10.56
CA SER A 231 21.62 -7.55 -10.65
CA SER A 231 21.61 -7.49 -10.70
C SER A 231 21.08 -8.47 -11.74
N LEU A 232 21.75 -8.48 -12.89
CA LEU A 232 21.35 -9.28 -14.03
C LEU A 232 21.39 -10.78 -13.70
N SER A 233 22.45 -11.20 -13.04
CA SER A 233 22.60 -12.58 -12.63
C SER A 233 21.57 -13.03 -11.58
N ILE A 234 21.32 -12.18 -10.58
CA ILE A 234 20.37 -12.47 -9.52
C ILE A 234 18.94 -12.52 -10.07
N THR A 235 18.60 -11.55 -10.92
CA THR A 235 17.28 -11.48 -11.55
C THR A 235 16.99 -12.76 -12.37
N ALA A 236 17.94 -13.16 -13.21
CA ALA A 236 17.77 -14.36 -14.04
C ALA A 236 17.63 -15.59 -13.15
N ALA A 237 18.38 -15.65 -12.05
CA ALA A 237 18.31 -16.83 -11.17
C ALA A 237 16.98 -16.96 -10.40
N ARG A 238 16.36 -15.82 -10.05
CA ARG A 238 15.23 -15.83 -9.12
C ARG A 238 13.94 -15.29 -9.66
N ARG A 239 14.02 -14.30 -10.54
CA ARG A 239 12.83 -13.70 -11.13
C ARG A 239 12.99 -13.61 -12.64
N PRO A 240 13.19 -14.77 -13.29
CA PRO A 240 13.33 -14.77 -14.75
C PRO A 240 12.11 -14.17 -15.42
N ASP A 241 10.95 -14.28 -14.79
CA ASP A 241 9.71 -13.68 -15.31
C ASP A 241 9.87 -12.16 -15.57
N LEU A 242 10.62 -11.45 -14.73
CA LEU A 242 10.98 -10.05 -15.01
C LEU A 242 11.92 -9.95 -16.24
N LEU A 243 11.88 -10.97 -17.11
CA LEU A 243 12.54 -11.02 -18.43
C LEU A 243 14.03 -10.73 -18.35
N SAH B . -13.27 -15.64 3.92
CA SAH B . -12.97 -14.23 3.51
CB SAH B . -11.97 -13.60 4.53
CG SAH B . -11.97 -12.07 4.45
SD SAH B . -10.58 -11.48 5.36
C SAH B . -12.42 -14.18 2.10
O SAH B . -11.86 -15.17 1.62
OXT SAH B . -12.53 -13.15 1.41
C5' SAH B . -11.17 -9.93 5.98
C4' SAH B . -10.70 -8.72 5.16
O4' SAH B . -9.27 -8.61 5.11
C3' SAH B . -11.14 -8.71 3.70
O3' SAH B . -12.49 -8.30 3.52
C2' SAH B . -10.14 -7.75 3.05
O2' SAH B . -10.46 -6.36 3.22
C1' SAH B . -8.91 -8.01 3.88
N9 SAH B . -7.93 -8.87 3.21
C8 SAH B . -7.56 -10.14 3.56
N7 SAH B . -6.57 -10.60 2.78
C5 SAH B . -6.30 -9.58 1.93
C6 SAH B . -5.36 -9.37 0.85
N6 SAH B . -4.54 -10.38 0.55
N1 SAH B . -5.35 -8.17 0.22
C2 SAH B . -6.20 -7.17 0.54
N3 SAH B . -7.11 -7.30 1.52
C4 SAH B . -7.18 -8.45 2.22
CL CL C . -9.56 1.65 16.85
CL CL D . -12.66 14.60 -5.09
#